data_4MPW
#
_entry.id   4MPW
#
_cell.length_a   78.087
_cell.length_b   78.087
_cell.length_c   164.980
_cell.angle_alpha   90.000
_cell.angle_beta   90.000
_cell.angle_gamma   120.000
#
_symmetry.space_group_name_H-M   'P 31 2 1'
#
loop_
_entity.id
_entity.type
_entity.pdbx_description
1 polymer 'Tryptase alpha/beta-1'
2 non-polymer 'CHLORIDE ION'
3 non-polymer 'TRIETHYLENE GLYCOL'
4 non-polymer 'ACETATE ION'
5 non-polymer [(1,1,3,3-tetramethyldisiloxane-1,3-diyl)di-1-benzofuran-3,5-diyl]bis({4-[3-(aminomethyl)phenyl]piperidin-1-yl}methanone)
6 water water
#
_entity_poly.entity_id   1
_entity_poly.type   'polypeptide(L)'
_entity_poly.pdbx_seq_one_letter_code
;IVGGQEAPRSKWPWQVSLRVHGPYWMHFCGGSLIHPQWVLTAAHCVGPDVKDLAALRVQLREQHLYYQDQLLPVSRIIVH
PQFYTAQIGADIALLELEEPVKVSSHVHTVTLPPASETFPPGMPCWVTGWGDVDNDERLPPPFPLKQVKVPIMENHICDA
KYHLGAYTGDDVRIVRDDMLCAGNTRRDSCQGDSGGPLVCKVNGTWLQAGVVSWGEGCAQPNRPGIYTRVTYYLDWIHHY
VPKKP
;
_entity_poly.pdbx_strand_id   A,B
#
loop_
_chem_comp.id
_chem_comp.type
_chem_comp.name
_chem_comp.formula
2AJ non-polymer [(1,1,3,3-tetramethyldisiloxane-1,3-diyl)di-1-benzofuran-3,5-diyl]bis({4-[3-(aminomethyl)phenyl]piperidin-1-yl}methanone) 'C46 H54 N4 O5 Si2'
ACT non-polymer 'ACETATE ION' 'C2 H3 O2 -1'
CL non-polymer 'CHLORIDE ION' 'Cl -1'
PGE non-polymer 'TRIETHYLENE GLYCOL' 'C6 H14 O4'
#
# COMPACT_ATOMS: atom_id res chain seq x y z
N ILE A 1 9.53 -0.58 18.06
CA ILE A 1 10.87 -1.22 18.01
C ILE A 1 10.72 -2.68 18.50
N VAL A 2 11.15 -3.63 17.67
CA VAL A 2 11.27 -5.06 18.02
C VAL A 2 12.65 -5.39 18.52
N GLY A 3 12.72 -6.04 19.69
CA GLY A 3 13.99 -6.33 20.31
C GLY A 3 14.60 -5.11 20.99
N GLY A 4 15.89 -5.15 21.25
CA GLY A 4 16.51 -3.96 21.89
C GLY A 4 15.81 -3.59 23.23
N GLN A 5 15.87 -2.32 23.64
CA GLN A 5 15.54 -1.97 25.03
C GLN A 5 15.18 -0.51 25.16
N GLU A 6 14.82 -0.08 26.36
CA GLU A 6 14.50 1.32 26.63
CA GLU A 6 14.48 1.32 26.61
C GLU A 6 15.77 2.14 26.48
N ALA A 7 15.73 3.27 25.77
CA ALA A 7 16.87 4.14 25.60
C ALA A 7 17.25 4.88 26.89
N PRO A 8 18.54 5.00 27.18
CA PRO A 8 18.94 5.91 28.27
C PRO A 8 18.52 7.32 27.95
N ARG A 9 18.29 8.13 28.97
CA ARG A 9 17.87 9.53 28.81
C ARG A 9 18.85 10.38 28.01
N SER A 10 20.12 10.05 28.08
CA SER A 10 21.17 10.85 27.40
C SER A 10 21.25 10.62 25.90
N LYS A 11 20.58 9.58 25.40
CA LYS A 11 20.76 9.19 23.99
C LYS A 11 19.63 9.66 23.09
N TRP A 12 19.95 9.83 21.84
CA TRP A 12 19.01 10.24 20.75
C TRP A 12 18.28 11.57 21.02
N PRO A 13 19.01 12.67 21.22
CA PRO A 13 18.46 13.97 21.56
C PRO A 13 17.65 14.60 20.43
N TRP A 14 17.84 14.02 19.24
CA TRP A 14 17.16 14.41 18.05
C TRP A 14 15.78 13.73 17.85
N GLN A 15 15.40 12.72 18.64
CA GLN A 15 14.16 11.95 18.34
C GLN A 15 12.96 12.83 18.60
N VAL A 16 11.99 12.84 17.68
CA VAL A 16 10.72 13.51 17.91
C VAL A 16 9.55 12.55 17.74
N SER A 17 8.41 12.94 18.28
CA SER A 17 7.16 12.25 18.14
C SER A 17 6.18 13.16 17.42
N LEU A 18 5.46 12.61 16.42
CA LEU A 18 4.42 13.35 15.71
C LEU A 18 3.09 12.97 16.30
N ARG A 19 2.26 13.98 16.53
CA ARG A 19 0.96 13.79 17.22
C ARG A 19 -0.21 14.29 16.40
N VAL A 20 -1.29 13.52 16.42
CA VAL A 20 -2.47 13.86 15.73
C VAL A 20 -3.57 14.16 16.75
N HIS A 21 -4.35 15.18 16.45
CA HIS A 21 -5.39 15.65 17.38
C HIS A 21 -6.53 14.69 17.43
N GLY A 22 -7.03 14.35 18.59
CA GLY A 22 -8.22 13.51 18.69
C GLY A 22 -8.65 13.61 20.13
N PRO A 23 -9.22 12.55 20.69
CA PRO A 23 -9.44 12.60 22.16
C PRO A 23 -8.20 12.96 22.99
N TYR A 24 -7.02 12.60 22.48
CA TYR A 24 -5.78 13.19 22.99
C TYR A 24 -4.82 13.40 21.84
N TRP A 25 -3.66 13.99 22.13
CA TRP A 25 -2.70 14.24 21.06
C TRP A 25 -1.91 12.94 20.92
N MET A 26 -2.40 12.08 20.03
CA MET A 26 -1.87 10.72 19.91
C MET A 26 -0.59 10.59 18.96
N HIS A 27 0.42 9.89 19.43
CA HIS A 27 1.62 9.53 18.66
C HIS A 27 1.23 8.67 17.49
N PHE A 28 1.63 9.08 16.29
CA PHE A 28 1.43 8.22 15.12
C PHE A 28 2.71 7.96 14.30
N CYS A 29 3.75 8.74 14.47
CA CYS A 29 5.00 8.49 13.72
C CYS A 29 6.12 9.14 14.51
N GLY A 30 7.32 8.79 14.16
CA GLY A 30 8.49 9.51 14.57
C GLY A 30 9.01 10.49 13.55
N GLY A 31 10.09 11.13 13.99
CA GLY A 31 10.85 12.10 13.22
C GLY A 31 12.20 12.37 13.90
N SER A 32 12.96 13.25 13.28
CA SER A 32 14.22 13.70 13.78
C SER A 32 14.40 15.20 13.60
N LEU A 33 15.01 15.80 14.60
CA LEU A 33 15.27 17.21 14.50
C LEU A 33 16.56 17.43 13.69
N ILE A 34 16.45 18.02 12.53
CA ILE A 34 17.66 18.26 11.71
C ILE A 34 18.14 19.69 11.67
N HIS A 35 17.34 20.61 12.19
CA HIS A 35 17.70 22.00 12.27
C HIS A 35 16.73 22.51 13.36
N PRO A 36 17.04 23.62 14.00
CA PRO A 36 16.13 24.05 15.06
C PRO A 36 14.73 24.36 14.60
N GLN A 37 14.51 24.56 13.32
CA GLN A 37 13.16 24.86 12.87
C GLN A 37 12.58 23.78 11.98
N TRP A 38 13.32 22.67 11.84
CA TRP A 38 12.96 21.59 10.88
C TRP A 38 13.07 20.18 11.38
N VAL A 39 12.01 19.43 11.13
CA VAL A 39 11.94 18.00 11.43
C VAL A 39 11.88 17.21 10.14
N LEU A 40 12.65 16.13 10.09
CA LEU A 40 12.66 15.17 8.98
C LEU A 40 11.84 13.93 9.43
N THR A 41 10.94 13.55 8.54
CA THR A 41 10.08 12.42 8.74
C THR A 41 9.83 11.63 7.43
N ALA A 42 8.94 10.65 7.50
CA ALA A 42 8.49 9.89 6.29
C ALA A 42 7.29 10.57 5.70
N ALA A 43 7.28 10.70 4.37
CA ALA A 43 6.12 11.18 3.65
C ALA A 43 4.86 10.42 3.96
N HIS A 44 4.92 9.12 4.11
CA HIS A 44 3.72 8.31 4.32
C HIS A 44 3.05 8.66 5.63
N CYS A 45 3.81 9.28 6.53
CA CYS A 45 3.23 9.71 7.85
C CYS A 45 2.31 10.92 7.68
N VAL A 46 2.55 11.73 6.68
CA VAL A 46 1.82 13.00 6.50
C VAL A 46 1.26 13.19 5.10
N GLY A 47 1.33 12.16 4.28
CA GLY A 47 0.84 12.28 2.91
C GLY A 47 0.48 10.91 2.37
N PRO A 48 0.24 10.80 1.07
CA PRO A 48 0.33 11.85 0.05
C PRO A 48 -0.77 12.90 0.04
N ASP A 49 -1.84 12.66 0.77
CA ASP A 49 -2.98 13.62 0.80
C ASP A 49 -2.70 14.80 1.77
N VAL A 50 -3.14 15.99 1.42
CA VAL A 50 -2.87 17.19 2.20
C VAL A 50 -3.65 17.09 3.51
N LYS A 51 -3.02 17.28 4.67
CA LYS A 51 -3.76 17.28 5.92
C LYS A 51 -3.83 18.69 6.54
N ASP A 52 -4.76 18.87 7.48
CA ASP A 52 -4.92 20.08 8.29
C ASP A 52 -3.75 20.22 9.21
N LEU A 53 -2.96 21.24 8.96
CA LEU A 53 -1.79 21.54 9.81
C LEU A 53 -2.13 21.76 11.27
N ALA A 54 -3.28 22.36 11.54
CA ALA A 54 -3.72 22.61 12.94
C ALA A 54 -3.88 21.33 13.80
N ALA A 55 -4.13 20.21 13.13
CA ALA A 55 -4.31 18.92 13.75
C ALA A 55 -3.01 18.12 13.91
N LEU A 56 -1.86 18.74 13.65
CA LEU A 56 -0.56 18.10 13.80
C LEU A 56 0.31 18.88 14.81
N ARG A 57 0.95 18.20 15.76
CA ARG A 57 1.96 18.84 16.57
C ARG A 57 3.12 17.89 16.76
N VAL A 58 4.24 18.44 17.20
CA VAL A 58 5.44 17.71 17.40
C VAL A 58 5.84 17.82 18.85
N GLN A 59 6.36 16.74 19.38
CA GLN A 59 6.91 16.65 20.73
C GLN A 59 8.35 16.31 20.58
N LEU A 60 9.22 17.05 21.26
CA LEU A 60 10.64 16.87 21.23
C LEU A 60 11.00 15.75 22.18
N ARG A 61 12.25 15.30 22.16
CA ARG A 61 12.70 14.13 22.92
C ARG A 61 12.07 14.10 24.31
N GLU A 62 11.37 12.99 24.56
CA GLU A 62 10.66 12.69 25.78
C GLU A 62 11.08 11.24 26.11
N GLN A 63 11.31 10.91 27.37
CA GLN A 63 11.61 9.55 27.72
C GLN A 63 10.34 8.69 27.71
N HIS A 64 9.19 9.23 28.12
CA HIS A 64 7.93 8.49 28.14
C HIS A 64 6.93 9.29 27.39
N LEU A 65 6.28 8.71 26.40
CA LEU A 65 5.21 9.52 25.79
C LEU A 65 4.10 10.02 26.71
N TYR A 66 3.63 11.23 26.47
CA TYR A 66 2.45 11.84 27.04
C TYR A 66 2.65 12.39 28.44
N TYR A 67 3.58 11.85 29.19
CA TYR A 67 3.70 12.24 30.60
C TYR A 67 4.07 13.74 30.76
N GLN A 68 5.01 14.23 29.99
CA GLN A 68 5.48 15.59 30.15
C GLN A 68 5.42 16.39 28.86
N ASP A 69 4.33 16.26 28.11
CA ASP A 69 4.23 16.86 26.78
C ASP A 69 4.30 18.38 26.77
N GLN A 70 5.03 18.91 25.82
CA GLN A 70 5.00 20.33 25.53
C GLN A 70 4.96 20.39 23.98
N LEU A 71 3.76 20.40 23.43
CA LEU A 71 3.56 20.18 22.03
C LEU A 71 3.87 21.42 21.23
N LEU A 72 4.44 21.29 20.02
CA LEU A 72 4.82 22.40 19.22
C LEU A 72 4.08 22.36 17.91
N PRO A 73 3.45 23.49 17.53
CA PRO A 73 2.74 23.51 16.29
C PRO A 73 3.68 23.69 15.06
N VAL A 74 3.14 23.33 13.90
CA VAL A 74 3.86 23.22 12.64
C VAL A 74 3.39 24.26 11.68
N SER A 75 4.29 24.99 11.03
CA SER A 75 3.88 25.99 9.98
C SER A 75 3.81 25.44 8.58
N ARG A 76 4.58 24.38 8.26
CA ARG A 76 4.57 23.89 6.87
C ARG A 76 4.80 22.40 6.88
N ILE A 77 4.20 21.69 5.95
CA ILE A 77 4.45 20.24 5.75
C ILE A 77 4.93 20.21 4.29
N ILE A 78 6.13 19.71 4.06
CA ILE A 78 6.70 19.65 2.70
C ILE A 78 7.00 18.19 2.41
N VAL A 79 6.35 17.64 1.42
CA VAL A 79 6.36 16.20 1.12
C VAL A 79 7.04 16.03 -0.22
N HIS A 80 7.88 15.03 -0.38
CA HIS A 80 8.63 14.88 -1.63
C HIS A 80 7.65 14.69 -2.75
N PRO A 81 7.79 15.45 -3.87
CA PRO A 81 6.73 15.40 -4.89
C PRO A 81 6.70 14.07 -5.66
N GLN A 82 7.73 13.27 -5.56
CA GLN A 82 7.69 11.96 -6.17
C GLN A 82 6.90 10.98 -5.33
N PHE A 83 6.56 11.36 -4.08
CA PHE A 83 5.93 10.41 -3.26
C PHE A 83 4.48 10.09 -3.52
N TYR A 84 4.18 8.79 -3.60
CA TYR A 84 2.78 8.32 -3.53
C TYR A 84 2.62 7.16 -2.54
N THR A 85 3.50 6.17 -2.56
CA THR A 85 3.53 5.12 -1.54
C THR A 85 4.94 4.77 -1.17
N ALA A 86 5.09 4.17 0.02
CA ALA A 86 6.42 3.74 0.51
C ALA A 86 7.08 2.72 -0.37
N GLN A 87 6.28 1.83 -0.98
CA GLN A 87 6.80 0.76 -1.88
C GLN A 87 7.33 1.29 -3.21
N ILE A 88 6.80 2.39 -3.67
CA ILE A 88 7.34 3.06 -4.82
C ILE A 88 8.61 3.84 -4.51
N GLY A 89 8.59 4.56 -3.38
CA GLY A 89 9.75 5.34 -2.98
C GLY A 89 9.52 6.80 -2.69
N ALA A 90 10.64 7.52 -2.43
CA ALA A 90 10.63 8.95 -2.13
C ALA A 90 9.82 9.14 -0.84
N ASP A 91 9.97 8.21 0.09
CA ASP A 91 9.22 8.24 1.37
C ASP A 91 9.91 9.20 2.36
N ILE A 92 9.77 10.49 2.10
CA ILE A 92 10.51 11.54 2.84
C ILE A 92 9.75 12.85 2.80
N ALA A 93 9.78 13.53 3.95
CA ALA A 93 9.00 14.75 4.15
C ALA A 93 9.67 15.65 5.24
N LEU A 94 9.31 16.93 5.22
CA LEU A 94 9.86 17.91 6.15
C LEU A 94 8.73 18.66 6.81
N LEU A 95 8.91 18.91 8.11
CA LEU A 95 7.98 19.75 8.86
C LEU A 95 8.71 21.00 9.32
N GLU A 96 8.20 22.16 8.95
CA GLU A 96 8.73 23.41 9.51
C GLU A 96 7.93 23.77 10.76
N LEU A 97 8.65 24.04 11.83
CA LEU A 97 7.99 24.44 13.12
C LEU A 97 7.70 25.94 13.06
N GLU A 98 6.70 26.38 13.80
CA GLU A 98 6.34 27.82 13.86
C GLU A 98 7.40 28.64 14.53
N GLU A 99 8.22 28.03 15.38
CA GLU A 99 9.34 28.68 16.01
C GLU A 99 10.55 27.79 16.01
N PRO A 100 11.72 28.37 16.07
CA PRO A 100 12.94 27.61 16.32
C PRO A 100 12.94 27.02 17.72
N VAL A 101 13.46 25.80 17.86
CA VAL A 101 13.59 25.14 19.16
C VAL A 101 14.84 25.65 19.85
N LYS A 102 14.87 25.72 21.19
CA LYS A 102 16.13 25.97 21.88
C LYS A 102 16.79 24.64 22.12
N VAL A 103 18.02 24.49 21.69
CA VAL A 103 18.75 23.27 21.83
C VAL A 103 19.63 23.23 23.06
N SER A 104 20.00 22.02 23.40
CA SER A 104 20.79 21.72 24.58
C SER A 104 21.38 20.32 24.45
N SER A 105 22.06 19.84 25.51
CA SER A 105 22.61 18.48 25.47
C SER A 105 21.47 17.45 25.42
N HIS A 106 20.33 17.78 26.01
CA HIS A 106 19.22 16.87 25.97
C HIS A 106 18.39 16.84 24.66
N VAL A 107 18.30 17.96 23.96
CA VAL A 107 17.51 18.09 22.79
C VAL A 107 18.36 18.85 21.77
N HIS A 108 18.80 18.17 20.71
CA HIS A 108 19.51 18.84 19.64
C HIS A 108 19.47 18.09 18.30
N THR A 109 20.06 18.69 17.28
CA THR A 109 19.88 18.15 15.93
C THR A 109 20.79 16.96 15.72
N VAL A 110 20.44 16.17 14.71
CA VAL A 110 21.26 15.10 14.16
C VAL A 110 21.95 15.61 12.88
N THR A 111 23.11 15.07 12.61
CA THR A 111 23.91 15.42 11.45
C THR A 111 23.52 14.54 10.26
N LEU A 112 23.32 15.16 9.13
CA LEU A 112 23.01 14.46 7.90
C LEU A 112 24.31 13.93 7.30
N PRO A 113 24.25 12.80 6.59
CA PRO A 113 25.44 12.19 5.98
C PRO A 113 25.92 12.96 4.75
N PRO A 114 27.25 12.93 4.50
CA PRO A 114 27.65 13.42 3.19
C PRO A 114 27.12 12.53 2.10
N ALA A 115 26.96 13.14 0.94
CA ALA A 115 26.37 12.47 -0.24
C ALA A 115 27.09 11.13 -0.53
N SER A 116 28.35 11.04 -0.19
CA SER A 116 29.10 9.85 -0.56
C SER A 116 29.00 8.68 0.44
N GLU A 117 28.46 8.82 1.66
CA GLU A 117 28.47 7.67 2.61
C GLU A 117 27.48 6.58 2.15
N THR A 118 27.89 5.31 2.11
CA THR A 118 26.98 4.25 1.57
C THR A 118 26.34 3.32 2.65
N PHE A 119 26.90 3.41 3.84
CA PHE A 119 26.45 2.64 4.99
C PHE A 119 26.47 1.15 4.70
N PRO A 120 27.68 0.60 4.58
CA PRO A 120 27.82 -0.82 4.26
C PRO A 120 27.51 -1.72 5.40
N PRO A 121 27.25 -3.01 5.10
CA PRO A 121 27.09 -4.06 6.10
C PRO A 121 28.21 -4.01 7.09
N GLY A 122 27.90 -4.14 8.37
CA GLY A 122 28.89 -4.14 9.43
C GLY A 122 28.95 -2.81 10.15
N MET A 123 28.37 -1.78 9.55
CA MET A 123 28.38 -0.53 10.25
C MET A 123 27.46 -0.63 11.50
N PRO A 124 27.85 0.02 12.63
CA PRO A 124 27.00 -0.04 13.81
C PRO A 124 25.89 0.99 13.66
N CYS A 125 24.64 0.54 13.62
CA CYS A 125 23.48 1.45 13.39
C CYS A 125 22.37 1.09 14.33
N TRP A 126 21.66 2.12 14.80
CA TRP A 126 20.54 1.98 15.71
C TRP A 126 19.31 2.64 15.16
N VAL A 127 18.17 2.05 15.41
CA VAL A 127 16.88 2.69 15.10
C VAL A 127 16.12 2.84 16.43
N THR A 128 15.42 3.95 16.51
CA THR A 128 14.76 4.34 17.75
C THR A 128 13.31 4.69 17.52
N GLY A 129 12.50 4.53 18.56
CA GLY A 129 11.12 4.98 18.46
C GLY A 129 10.17 4.41 19.49
N TRP A 130 8.93 4.88 19.42
CA TRP A 130 7.84 4.46 20.30
C TRP A 130 6.84 3.58 19.60
N GLY A 131 7.26 2.94 18.54
CA GLY A 131 6.33 2.08 17.88
C GLY A 131 6.10 0.72 18.49
N ASP A 132 5.32 -0.08 17.76
CA ASP A 132 4.97 -1.45 18.18
C ASP A 132 6.20 -2.33 18.45
N VAL A 133 6.06 -3.26 19.40
CA VAL A 133 7.16 -4.11 19.81
C VAL A 133 7.16 -5.45 19.13
N ASP A 134 6.13 -5.71 18.34
CA ASP A 134 6.10 -6.87 17.47
C ASP A 134 4.90 -6.65 16.61
N ASN A 135 4.71 -7.49 15.60
CA ASN A 135 3.53 -7.37 14.73
C ASN A 135 2.27 -7.31 15.56
N ASP A 136 1.47 -6.31 15.32
CA ASP A 136 0.24 -6.11 16.05
C ASP A 136 0.41 -6.16 17.58
N GLU A 137 1.58 -5.87 18.18
CA GLU A 137 1.67 -5.63 19.66
C GLU A 137 2.09 -4.19 19.98
N ARG A 138 1.22 -3.44 20.63
CA ARG A 138 1.49 -2.10 21.05
C ARG A 138 2.62 -2.02 22.05
N LEU A 139 3.34 -0.90 22.01
CA LEU A 139 4.24 -0.55 23.09
C LEU A 139 3.36 -0.30 24.34
N PRO A 140 3.64 -1.00 25.43
CA PRO A 140 2.81 -0.73 26.61
C PRO A 140 3.06 0.61 27.33
N PRO A 141 2.06 1.13 28.05
CA PRO A 141 2.45 2.16 29.02
C PRO A 141 3.55 1.68 29.95
N PRO A 142 4.41 2.60 30.41
CA PRO A 142 4.41 4.03 30.22
C PRO A 142 5.06 4.55 28.91
N PHE A 143 5.14 3.72 27.88
CA PHE A 143 5.60 4.19 26.54
C PHE A 143 7.03 4.74 26.49
N PRO A 144 8.01 3.96 26.92
CA PRO A 144 9.38 4.42 26.90
C PRO A 144 9.92 4.48 25.46
N LEU A 145 10.75 5.45 25.15
CA LEU A 145 11.51 5.42 23.90
C LEU A 145 12.40 4.15 23.86
N LYS A 146 12.28 3.39 22.78
CA LYS A 146 13.11 2.20 22.64
C LYS A 146 14.20 2.42 21.57
N GLN A 147 15.24 1.59 21.64
CA GLN A 147 16.31 1.62 20.68
C GLN A 147 16.66 0.16 20.38
N VAL A 148 17.15 -0.12 19.17
CA VAL A 148 17.71 -1.43 18.87
C VAL A 148 18.81 -1.31 17.85
N LYS A 149 19.87 -2.09 18.04
CA LYS A 149 20.96 -2.07 17.11
C LYS A 149 20.55 -3.00 15.94
N VAL A 150 20.70 -2.49 14.71
CA VAL A 150 20.22 -3.29 13.56
C VAL A 150 21.29 -3.47 12.54
N PRO A 151 21.41 -4.69 11.99
CA PRO A 151 22.47 -4.86 11.01
C PRO A 151 22.01 -4.46 9.62
N ILE A 152 22.89 -3.80 8.89
CA ILE A 152 22.62 -3.35 7.53
C ILE A 152 22.72 -4.57 6.64
N MET A 153 21.84 -4.68 5.67
CA MET A 153 21.97 -5.74 4.67
C MET A 153 22.13 -4.98 3.35
N GLU A 154 23.08 -5.38 2.50
CA GLU A 154 23.33 -4.70 1.21
C GLU A 154 22.04 -4.74 0.31
N ASN A 155 21.74 -3.68 -0.43
CA ASN A 155 20.45 -3.59 -1.14
C ASN A 155 20.12 -4.78 -2.04
N HIS A 156 21.10 -5.21 -2.82
CA HIS A 156 20.90 -6.35 -3.77
CA HIS A 156 20.84 -6.32 -3.77
C HIS A 156 20.57 -7.64 -3.03
N ILE A 157 21.18 -7.82 -1.88
CA ILE A 157 20.94 -9.02 -1.09
C ILE A 157 19.54 -8.88 -0.48
N CYS A 158 19.22 -7.70 0.01
CA CYS A 158 17.91 -7.43 0.57
C CYS A 158 16.82 -7.64 -0.47
N ASP A 159 16.99 -7.06 -1.68
CA ASP A 159 16.05 -7.28 -2.75
C ASP A 159 15.86 -8.78 -3.02
N ALA A 160 16.96 -9.51 -3.09
CA ALA A 160 16.84 -10.94 -3.39
C ALA A 160 16.03 -11.67 -2.29
N LYS A 161 16.27 -11.34 -1.02
CA LYS A 161 15.41 -11.91 0.05
C LYS A 161 13.93 -11.59 -0.17
N TYR A 162 13.62 -10.35 -0.55
CA TYR A 162 12.23 -9.96 -0.70
C TYR A 162 11.53 -10.79 -1.79
N HIS A 163 12.30 -11.38 -2.70
CA HIS A 163 11.75 -12.22 -3.76
C HIS A 163 11.54 -13.67 -3.37
N LEU A 164 12.16 -14.14 -2.30
CA LEU A 164 11.90 -15.51 -1.81
C LEU A 164 10.48 -15.65 -1.26
N GLY A 165 9.72 -16.62 -1.74
CA GLY A 165 8.34 -16.80 -1.36
C GLY A 165 7.43 -15.76 -1.98
N ALA A 166 7.89 -15.14 -3.07
CA ALA A 166 7.09 -14.20 -3.85
C ALA A 166 6.91 -14.66 -5.26
N TYR A 167 5.75 -14.37 -5.84
CA TYR A 167 5.57 -14.49 -7.29
C TYR A 167 6.31 -13.45 -8.14
N THR A 168 6.71 -12.36 -7.52
CA THR A 168 7.27 -11.24 -8.25
C THR A 168 8.49 -11.70 -8.97
N GLY A 169 8.60 -11.37 -10.26
CA GLY A 169 9.83 -11.81 -10.98
C GLY A 169 11.13 -11.30 -10.35
N ASP A 170 12.17 -12.11 -10.41
CA ASP A 170 13.42 -11.82 -9.72
C ASP A 170 14.12 -10.59 -10.29
N ASP A 171 13.76 -10.19 -11.52
CA ASP A 171 14.41 -9.00 -12.09
CA ASP A 171 14.25 -9.10 -12.30
C ASP A 171 13.49 -7.81 -12.03
N VAL A 172 12.39 -7.91 -11.28
CA VAL A 172 11.52 -6.78 -11.01
C VAL A 172 11.90 -6.25 -9.60
N ARG A 173 12.54 -5.08 -9.53
CA ARG A 173 13.14 -4.66 -8.31
C ARG A 173 12.08 -4.29 -7.29
N ILE A 174 12.26 -4.81 -6.09
CA ILE A 174 11.40 -4.50 -4.94
C ILE A 174 12.05 -3.46 -4.04
N VAL A 175 13.28 -3.73 -3.58
CA VAL A 175 13.97 -2.78 -2.75
C VAL A 175 14.72 -1.79 -3.68
N ARG A 176 14.27 -0.52 -3.78
CA ARG A 176 14.81 0.36 -4.78
C ARG A 176 16.08 1.06 -4.29
N ASP A 177 16.72 1.80 -5.20
CA ASP A 177 18.02 2.33 -4.94
C ASP A 177 17.99 3.54 -4.00
N ASP A 178 16.84 4.16 -3.84
CA ASP A 178 16.64 5.15 -2.81
C ASP A 178 16.19 4.59 -1.46
N MET A 179 16.34 3.28 -1.24
CA MET A 179 16.04 2.66 0.02
C MET A 179 17.27 1.99 0.56
N LEU A 180 17.17 1.57 1.81
CA LEU A 180 18.27 0.99 2.55
C LEU A 180 17.67 -0.11 3.40
N CYS A 181 18.35 -1.27 3.61
CA CYS A 181 17.78 -2.35 4.44
C CYS A 181 18.54 -2.52 5.69
N ALA A 182 17.81 -2.82 6.75
CA ALA A 182 18.44 -3.16 8.01
C ALA A 182 17.47 -3.94 8.90
N GLY A 183 18.07 -4.77 9.76
CA GLY A 183 17.32 -5.55 10.75
C GLY A 183 17.29 -7.03 10.43
N ASN A 184 16.81 -7.81 11.39
CA ASN A 184 16.59 -9.24 11.16
C ASN A 184 15.36 -9.73 11.92
N THR A 185 15.26 -11.03 12.20
CA THR A 185 14.05 -11.56 12.81
C THR A 185 14.04 -11.34 14.35
N ARG A 186 15.09 -10.74 14.92
CA ARG A 186 15.11 -10.34 16.34
C ARG A 186 15.10 -8.80 16.56
N ARG A 187 15.50 -8.01 15.56
CA ARG A 187 15.73 -6.58 15.71
C ARG A 187 15.20 -5.82 14.51
N ASP A 188 14.25 -4.91 14.70
CA ASP A 188 13.61 -4.22 13.57
C ASP A 188 12.85 -3.03 14.16
N SER A 189 12.41 -2.18 13.26
CA SER A 189 11.45 -1.16 13.49
C SER A 189 10.08 -1.77 13.18
N CYS A 190 9.03 -1.05 13.57
CA CYS A 190 7.66 -1.54 13.38
C CYS A 190 6.69 -0.36 13.28
N GLN A 191 5.40 -0.61 13.09
CA GLN A 191 4.45 0.47 12.90
CA GLN A 191 4.37 0.42 12.98
C GLN A 191 4.50 1.40 14.12
N GLY A 192 4.45 2.71 13.84
CA GLY A 192 4.64 3.73 14.90
C GLY A 192 6.06 4.20 15.00
N ASP A 193 7.03 3.44 14.45
CA ASP A 193 8.40 3.87 14.34
C ASP A 193 8.66 4.67 13.06
N SER A 194 7.76 4.56 12.12
CA SER A 194 7.86 5.22 10.83
C SER A 194 8.17 6.67 10.95
N GLY A 195 9.08 7.09 10.06
CA GLY A 195 9.47 8.51 10.03
C GLY A 195 10.60 8.88 10.98
N GLY A 196 10.91 7.99 11.92
CA GLY A 196 12.04 8.20 12.76
C GLY A 196 13.39 7.76 12.14
N PRO A 197 14.45 7.95 12.89
CA PRO A 197 15.78 7.86 12.43
C PRO A 197 16.45 6.51 12.55
N LEU A 198 17.18 6.18 11.51
CA LEU A 198 18.22 5.16 11.60
C LEU A 198 19.56 5.94 11.58
N VAL A 199 20.35 5.81 12.67
CA VAL A 199 21.61 6.53 12.82
C VAL A 199 22.78 5.55 12.97
N CYS A 200 23.89 5.89 12.34
CA CYS A 200 25.07 5.01 12.28
C CYS A 200 26.24 5.92 12.72
N LYS A 201 27.10 5.36 13.55
CA LYS A 201 28.28 6.02 14.08
C LYS A 201 29.38 5.85 13.05
N VAL A 202 29.84 6.97 12.50
CA VAL A 202 30.84 6.99 11.45
C VAL A 202 31.97 7.95 11.88
N ASN A 203 33.14 7.37 12.16
CA ASN A 203 34.32 8.14 12.59
C ASN A 203 34.00 9.02 13.77
N GLY A 204 33.37 8.44 14.79
CA GLY A 204 33.03 9.18 15.99
C GLY A 204 31.80 10.07 15.94
N THR A 205 31.17 10.23 14.78
CA THR A 205 29.96 11.06 14.66
C THR A 205 28.75 10.26 14.25
N TRP A 206 27.61 10.58 14.86
CA TRP A 206 26.34 9.94 14.53
C TRP A 206 25.76 10.63 13.28
N LEU A 207 25.48 9.84 12.27
CA LEU A 207 24.87 10.35 11.03
C LEU A 207 23.53 9.64 10.78
N GLN A 208 22.55 10.36 10.28
CA GLN A 208 21.28 9.71 9.95
C GLN A 208 21.29 9.11 8.56
N ALA A 209 21.50 7.82 8.55
CA ALA A 209 21.47 7.03 7.32
C ALA A 209 20.12 6.83 6.66
N GLY A 210 19.10 6.70 7.51
CA GLY A 210 17.78 6.24 7.10
C GLY A 210 16.61 6.93 7.83
N VAL A 211 15.48 6.92 7.17
CA VAL A 211 14.17 7.25 7.73
C VAL A 211 13.31 5.96 7.71
N VAL A 212 12.76 5.57 8.85
CA VAL A 212 11.94 4.39 8.94
C VAL A 212 10.82 4.48 7.95
N SER A 213 10.74 3.50 7.00
CA SER A 213 9.76 3.60 5.92
C SER A 213 8.75 2.49 5.85
N TRP A 214 9.20 1.25 5.58
CA TRP A 214 8.30 0.12 5.47
C TRP A 214 9.05 -1.24 5.58
N GLY A 215 8.31 -2.31 5.34
CA GLY A 215 8.84 -3.67 5.30
C GLY A 215 7.59 -4.56 5.21
N GLU A 216 7.78 -5.86 5.04
CA GLU A 216 6.70 -6.81 5.15
C GLU A 216 6.66 -7.26 6.59
N GLY A 217 5.75 -6.67 7.31
CA GLY A 217 5.69 -6.88 8.75
C GLY A 217 6.95 -6.41 9.43
N CYS A 218 7.20 -6.99 10.62
CA CYS A 218 8.24 -6.60 11.50
C CYS A 218 8.94 -7.86 11.95
N ALA A 219 10.26 -7.84 11.81
CA ALA A 219 11.11 -8.94 12.22
C ALA A 219 10.63 -10.28 11.62
N GLN A 220 10.10 -10.28 10.39
CA GLN A 220 9.73 -11.53 9.71
C GLN A 220 10.87 -12.17 8.85
N PRO A 221 10.86 -13.53 8.70
CA PRO A 221 11.89 -14.20 7.88
C PRO A 221 12.03 -13.64 6.52
N ASN A 222 13.26 -13.35 6.12
CA ASN A 222 13.64 -12.87 4.78
C ASN A 222 13.07 -11.50 4.47
N ARG A 223 12.75 -10.72 5.51
CA ARG A 223 12.10 -9.45 5.24
C ARG A 223 12.66 -8.37 6.18
N PRO A 224 13.89 -7.93 5.91
CA PRO A 224 14.46 -6.82 6.65
C PRO A 224 13.63 -5.55 6.56
N GLY A 225 13.81 -4.68 7.55
CA GLY A 225 13.13 -3.39 7.49
C GLY A 225 13.73 -2.54 6.38
N ILE A 226 12.90 -1.71 5.78
CA ILE A 226 13.33 -0.83 4.71
C ILE A 226 13.23 0.63 5.18
N TYR A 227 14.32 1.35 4.90
CA TYR A 227 14.45 2.76 5.18
C TYR A 227 14.62 3.61 3.97
N THR A 228 14.13 4.83 4.02
CA THR A 228 14.46 5.81 3.01
C THR A 228 15.92 6.22 3.17
N ARG A 229 16.68 6.09 2.09
CA ARG A 229 18.13 6.39 2.09
C ARG A 229 18.36 7.92 2.04
N VAL A 230 18.79 8.48 3.16
CA VAL A 230 18.86 9.90 3.33
C VAL A 230 19.80 10.55 2.29
N THR A 231 20.90 9.89 1.98
CA THR A 231 21.85 10.46 1.03
C THR A 231 21.22 10.71 -0.28
N TYR A 232 20.28 9.89 -0.70
CA TYR A 232 19.59 10.09 -1.99
C TYR A 232 18.84 11.39 -2.09
N TYR A 233 18.38 11.91 -0.95
CA TYR A 233 17.50 13.05 -0.88
C TYR A 233 18.13 14.32 -0.27
N LEU A 234 19.46 14.32 -0.15
CA LEU A 234 20.14 15.51 0.40
C LEU A 234 19.87 16.81 -0.35
N ASP A 235 19.90 16.77 -1.68
CA ASP A 235 19.67 17.98 -2.46
C ASP A 235 18.29 18.55 -2.21
N TRP A 236 17.29 17.66 -2.21
CA TRP A 236 15.93 18.08 -1.93
C TRP A 236 15.86 18.71 -0.55
N ILE A 237 16.42 18.03 0.45
CA ILE A 237 16.33 18.55 1.80
C ILE A 237 16.92 19.99 1.81
N HIS A 238 18.05 20.13 1.13
CA HIS A 238 18.74 21.43 1.12
C HIS A 238 18.06 22.49 0.33
N HIS A 239 17.01 22.18 -0.43
CA HIS A 239 16.18 23.19 -1.04
CA HIS A 239 16.19 23.22 -1.05
C HIS A 239 15.44 23.99 0.02
N TYR A 240 15.18 23.35 1.16
CA TYR A 240 14.35 23.92 2.23
C TYR A 240 15.09 24.26 3.51
N VAL A 241 15.94 23.37 3.95
CA VAL A 241 16.58 23.56 5.21
C VAL A 241 17.99 24.13 5.12
N PRO A 242 18.23 25.24 5.85
CA PRO A 242 19.55 25.90 5.81
C PRO A 242 20.70 24.99 6.21
N LYS A 243 21.90 25.24 5.67
CA LYS A 243 23.09 24.40 5.91
C LYS A 243 23.94 24.98 7.04
N ILE B 1 -19.72 -3.24 -3.41
CA ILE B 1 -20.31 -2.29 -4.39
C ILE B 1 -21.00 -1.12 -3.66
N VAL B 2 -20.67 0.11 -4.04
CA VAL B 2 -21.25 1.30 -3.40
C VAL B 2 -22.25 1.86 -4.38
N GLY B 3 -23.45 2.17 -3.88
CA GLY B 3 -24.52 2.75 -4.69
C GLY B 3 -25.19 1.87 -5.70
N GLY B 4 -25.08 0.58 -5.55
CA GLY B 4 -25.72 -0.27 -6.53
C GLY B 4 -27.08 -0.78 -6.07
N GLN B 5 -27.52 -1.83 -6.75
CA GLN B 5 -28.53 -2.72 -6.23
C GLN B 5 -28.22 -4.16 -6.47
N GLU B 6 -29.07 -4.98 -5.94
CA GLU B 6 -28.96 -6.39 -6.07
C GLU B 6 -29.16 -6.73 -7.51
N ALA B 7 -28.38 -7.65 -8.02
CA ALA B 7 -28.44 -8.02 -9.43
C ALA B 7 -29.59 -8.97 -9.72
N PRO B 8 -30.19 -8.87 -10.94
CA PRO B 8 -31.16 -9.88 -11.36
C PRO B 8 -30.42 -11.18 -11.52
N ARG B 9 -31.08 -12.30 -11.22
CA ARG B 9 -30.47 -13.64 -11.34
C ARG B 9 -29.94 -13.95 -12.72
N SER B 10 -30.55 -13.34 -13.73
CA SER B 10 -30.14 -13.60 -15.13
C SER B 10 -28.87 -12.86 -15.53
N LYS B 11 -28.34 -11.96 -14.70
CA LYS B 11 -27.24 -11.10 -15.12
C LYS B 11 -25.90 -11.54 -14.52
N TRP B 12 -24.82 -11.29 -15.27
CA TRP B 12 -23.45 -11.54 -14.83
C TRP B 12 -23.12 -13.00 -14.64
N PRO B 13 -23.36 -13.84 -15.67
CA PRO B 13 -23.13 -15.28 -15.49
C PRO B 13 -21.68 -15.69 -15.32
N TRP B 14 -20.77 -14.74 -15.52
CA TRP B 14 -19.35 -15.00 -15.40
C TRP B 14 -18.77 -14.61 -14.02
N GLN B 15 -19.57 -13.99 -13.17
CA GLN B 15 -19.04 -13.54 -11.89
C GLN B 15 -18.69 -14.72 -11.06
N VAL B 16 -17.49 -14.70 -10.46
CA VAL B 16 -17.14 -15.70 -9.43
C VAL B 16 -16.74 -15.13 -8.07
N SER B 17 -16.75 -16.01 -7.05
CA SER B 17 -16.27 -15.60 -5.75
C SER B 17 -15.10 -16.45 -5.31
N LEU B 18 -14.05 -15.81 -4.84
CA LEU B 18 -12.88 -16.51 -4.34
C LEU B 18 -13.00 -16.72 -2.83
N ARG B 19 -12.67 -17.90 -2.36
CA ARG B 19 -12.96 -18.27 -0.97
C ARG B 19 -11.68 -18.77 -0.33
N VAL B 20 -11.43 -18.39 0.92
CA VAL B 20 -10.25 -18.85 1.65
C VAL B 20 -10.68 -19.69 2.83
N HIS B 21 -9.90 -20.73 3.10
CA HIS B 21 -10.21 -21.72 4.18
C HIS B 21 -10.07 -21.12 5.56
N GLY B 22 -11.11 -21.18 6.38
CA GLY B 22 -10.95 -20.98 7.85
C GLY B 22 -12.10 -21.68 8.56
N PRO B 23 -12.71 -20.99 9.53
CA PRO B 23 -13.92 -21.49 10.18
C PRO B 23 -15.02 -21.69 9.16
N TYR B 24 -14.98 -20.92 8.07
CA TYR B 24 -15.79 -21.25 6.89
C TYR B 24 -15.03 -20.78 5.61
N TRP B 25 -15.57 -21.14 4.47
CA TRP B 25 -14.94 -20.81 3.17
C TRP B 25 -15.39 -19.41 2.82
N MET B 26 -14.64 -18.44 3.33
CA MET B 26 -15.06 -17.06 3.30
C MET B 26 -14.64 -16.37 2.01
N HIS B 27 -15.51 -15.52 1.52
CA HIS B 27 -15.31 -14.71 0.33
C HIS B 27 -14.27 -13.69 0.63
N PHE B 28 -13.25 -13.59 -0.21
CA PHE B 28 -12.29 -12.46 -0.05
C PHE B 28 -12.13 -11.55 -1.26
N CYS B 29 -12.46 -12.09 -2.45
CA CYS B 29 -12.26 -11.33 -3.71
C CYS B 29 -13.19 -11.84 -4.79
N GLY B 30 -13.38 -11.06 -5.85
CA GLY B 30 -14.17 -11.49 -6.97
C GLY B 30 -13.23 -12.04 -8.04
N GLY B 31 -13.84 -12.50 -9.13
CA GLY B 31 -13.10 -12.90 -10.32
C GLY B 31 -14.15 -13.01 -11.44
N SER B 32 -13.68 -13.40 -12.63
CA SER B 32 -14.55 -13.60 -13.79
C SER B 32 -14.19 -14.86 -14.55
N LEU B 33 -15.20 -15.57 -15.06
CA LEU B 33 -14.94 -16.81 -15.78
C LEU B 33 -14.64 -16.37 -17.22
N ILE B 34 -13.39 -16.48 -17.63
CA ILE B 34 -13.01 -16.02 -19.02
C ILE B 34 -12.82 -17.20 -20.02
N HIS B 35 -12.90 -18.42 -19.53
CA HIS B 35 -12.74 -19.64 -20.37
C HIS B 35 -13.30 -20.68 -19.42
N PRO B 36 -13.81 -21.83 -19.94
CA PRO B 36 -14.37 -22.81 -19.01
C PRO B 36 -13.47 -23.31 -17.93
N GLN B 37 -12.15 -23.16 -18.11
CA GLN B 37 -11.21 -23.66 -17.14
C GLN B 37 -10.33 -22.54 -16.52
N TRP B 38 -10.70 -21.29 -16.76
CA TRP B 38 -9.88 -20.20 -16.22
C TRP B 38 -10.68 -19.03 -15.66
N VAL B 39 -10.25 -18.57 -14.48
CA VAL B 39 -10.75 -17.37 -13.82
C VAL B 39 -9.73 -16.22 -13.87
N LEU B 40 -10.22 -15.06 -14.26
CA LEU B 40 -9.45 -13.87 -14.23
C LEU B 40 -9.74 -13.12 -12.90
N THR B 41 -8.68 -12.66 -12.25
CA THR B 41 -8.77 -11.92 -11.00
C THR B 41 -7.60 -10.94 -10.83
N ALA B 42 -7.54 -10.24 -9.68
CA ALA B 42 -6.46 -9.30 -9.34
C ALA B 42 -5.37 -10.02 -8.63
N ALA B 43 -4.12 -9.74 -9.00
CA ALA B 43 -2.97 -10.36 -8.31
C ALA B 43 -2.91 -10.05 -6.81
N HIS B 44 -3.34 -8.85 -6.40
CA HIS B 44 -3.32 -8.53 -4.97
C HIS B 44 -4.26 -9.37 -4.14
N CYS B 45 -5.28 -10.02 -4.74
CA CYS B 45 -6.08 -11.00 -4.03
C CYS B 45 -5.34 -12.26 -3.63
N VAL B 46 -4.34 -12.63 -4.41
CA VAL B 46 -3.65 -13.89 -4.23
C VAL B 46 -2.10 -13.75 -4.20
N GLY B 47 -1.57 -12.56 -4.02
CA GLY B 47 -0.12 -12.34 -4.07
C GLY B 47 0.17 -10.99 -3.42
N PRO B 48 1.42 -10.53 -3.46
CA PRO B 48 2.51 -11.14 -4.24
C PRO B 48 3.13 -12.34 -3.57
N ASP B 49 2.85 -12.58 -2.30
CA ASP B 49 3.46 -13.75 -1.64
C ASP B 49 2.71 -15.04 -1.99
N VAL B 50 3.46 -16.11 -2.13
CA VAL B 50 2.90 -17.37 -2.55
C VAL B 50 1.90 -17.93 -1.56
N LYS B 51 0.76 -18.40 -2.03
CA LYS B 51 -0.35 -18.89 -1.21
C LYS B 51 -0.50 -20.42 -1.37
N ASP B 52 -0.93 -21.08 -0.32
CA ASP B 52 -1.32 -22.49 -0.38
C ASP B 52 -2.58 -22.76 -1.24
N LEU B 53 -2.39 -23.51 -2.33
CA LEU B 53 -3.52 -23.80 -3.23
C LEU B 53 -4.70 -24.51 -2.58
N ALA B 54 -4.38 -25.36 -1.60
CA ALA B 54 -5.40 -26.13 -0.86
C ALA B 54 -6.34 -25.26 -0.02
N ALA B 55 -5.92 -24.03 0.33
CA ALA B 55 -6.72 -23.08 1.08
C ALA B 55 -7.53 -22.09 0.22
N LEU B 56 -7.63 -22.37 -1.07
CA LEU B 56 -8.35 -21.53 -2.01
C LEU B 56 -9.36 -22.38 -2.78
N ARG B 57 -10.56 -21.82 -2.93
CA ARG B 57 -11.55 -22.40 -3.83
C ARG B 57 -12.29 -21.30 -4.56
N VAL B 58 -12.95 -21.71 -5.63
CA VAL B 58 -13.75 -20.81 -6.44
C VAL B 58 -15.22 -21.21 -6.38
N GLN B 59 -16.07 -20.20 -6.38
CA GLN B 59 -17.50 -20.42 -6.40
C GLN B 59 -18.01 -19.68 -7.57
N LEU B 60 -18.74 -20.38 -8.42
CA LEU B 60 -19.41 -19.76 -9.58
C LEU B 60 -20.61 -18.96 -9.21
N ARG B 61 -21.22 -18.33 -10.21
CA ARG B 61 -22.23 -17.36 -9.93
C ARG B 61 -23.31 -17.87 -8.96
N GLU B 62 -23.58 -17.05 -7.97
CA GLU B 62 -24.43 -17.36 -6.86
C GLU B 62 -25.23 -16.08 -6.61
N GLN B 63 -26.52 -16.18 -6.36
CA GLN B 63 -27.26 -15.00 -6.04
C GLN B 63 -26.86 -14.44 -4.68
N HIS B 64 -26.68 -15.34 -3.69
CA HIS B 64 -26.38 -15.06 -2.29
C HIS B 64 -25.22 -15.90 -1.82
N LEU B 65 -24.20 -15.23 -1.30
CA LEU B 65 -23.04 -15.99 -0.86
C LEU B 65 -23.39 -16.95 0.22
N TYR B 66 -22.80 -18.14 0.15
CA TYR B 66 -22.76 -19.16 1.17
C TYR B 66 -23.99 -20.06 1.15
N TYR B 67 -25.06 -19.65 0.49
CA TYR B 67 -26.32 -20.37 0.59
C TYR B 67 -26.24 -21.64 -0.23
N GLN B 68 -25.84 -21.57 -1.44
CA GLN B 68 -25.90 -22.84 -2.14
C GLN B 68 -24.54 -23.18 -2.63
N ASP B 69 -23.52 -23.12 -1.78
CA ASP B 69 -22.14 -23.24 -2.30
C ASP B 69 -21.87 -24.60 -2.94
N GLN B 70 -21.18 -24.56 -4.08
CA GLN B 70 -20.55 -25.73 -4.68
C GLN B 70 -19.10 -25.35 -5.03
N LEU B 71 -18.18 -25.58 -4.10
CA LEU B 71 -16.88 -24.99 -4.16
C LEU B 71 -15.98 -25.78 -5.13
N LEU B 72 -15.21 -25.07 -5.96
CA LEU B 72 -14.34 -25.69 -6.97
C LEU B 72 -12.87 -25.51 -6.64
N PRO B 73 -12.11 -26.61 -6.67
CA PRO B 73 -10.69 -26.46 -6.44
C PRO B 73 -9.95 -25.81 -7.62
N VAL B 74 -8.80 -25.21 -7.30
CA VAL B 74 -7.92 -24.51 -8.22
C VAL B 74 -6.66 -25.31 -8.39
N SER B 75 -6.17 -25.46 -9.65
CA SER B 75 -4.99 -26.26 -9.93
C SER B 75 -3.72 -25.39 -10.11
N ARG B 76 -3.89 -24.10 -10.43
CA ARG B 76 -2.72 -23.21 -10.56
C ARG B 76 -3.11 -21.78 -10.32
N ILE B 77 -2.31 -21.09 -9.53
CA ILE B 77 -2.38 -19.66 -9.43
C ILE B 77 -1.26 -19.01 -10.28
N ILE B 78 -1.62 -18.15 -11.22
CA ILE B 78 -0.66 -17.43 -12.04
C ILE B 78 -0.76 -15.97 -11.80
N VAL B 79 0.22 -15.43 -11.08
CA VAL B 79 0.24 -14.01 -10.74
C VAL B 79 1.21 -13.33 -11.69
N HIS B 80 0.80 -12.22 -12.27
CA HIS B 80 1.69 -11.54 -13.19
C HIS B 80 3.05 -11.28 -12.49
N PRO B 81 4.16 -11.65 -13.13
CA PRO B 81 5.47 -11.48 -12.47
C PRO B 81 5.92 -10.03 -12.24
N GLN B 82 5.28 -9.07 -12.87
CA GLN B 82 5.57 -7.68 -12.60
C GLN B 82 4.85 -7.16 -11.37
N PHE B 83 3.89 -7.92 -10.84
CA PHE B 83 3.11 -7.48 -9.63
C PHE B 83 3.87 -7.51 -8.32
N TYR B 84 3.87 -6.35 -7.68
CA TYR B 84 4.24 -6.27 -6.27
C TYR B 84 3.11 -5.53 -5.44
N THR B 85 2.63 -4.36 -5.85
CA THR B 85 1.48 -3.75 -5.25
C THR B 85 0.58 -3.20 -6.36
N ALA B 86 -0.68 -3.01 -6.01
CA ALA B 86 -1.67 -2.40 -6.91
C ALA B 86 -1.29 -1.02 -7.40
N GLN B 87 -0.60 -0.23 -6.56
CA GLN B 87 -0.26 1.15 -6.96
C GLN B 87 0.84 1.16 -8.00
N ILE B 88 1.67 0.12 -8.01
CA ILE B 88 2.70 -0.03 -9.05
C ILE B 88 2.10 -0.55 -10.32
N GLY B 89 1.21 -1.52 -10.19
CA GLY B 89 0.46 -2.05 -11.33
C GLY B 89 0.72 -3.52 -11.58
N ALA B 90 0.35 -3.97 -12.76
CA ALA B 90 0.36 -5.36 -13.17
C ALA B 90 -0.54 -6.18 -12.20
N ASP B 91 -1.62 -5.56 -11.75
CA ASP B 91 -2.48 -6.20 -10.72
C ASP B 91 -3.48 -7.14 -11.40
N ILE B 92 -2.95 -8.30 -11.78
CA ILE B 92 -3.71 -9.24 -12.62
C ILE B 92 -3.20 -10.62 -12.41
N ALA B 93 -4.13 -11.59 -12.38
CA ALA B 93 -3.83 -12.92 -12.06
C ALA B 93 -4.87 -13.85 -12.72
N LEU B 94 -4.45 -15.09 -12.92
CA LEU B 94 -5.26 -16.19 -13.43
C LEU B 94 -5.30 -17.36 -12.46
N LEU B 95 -6.47 -17.96 -12.33
CA LEU B 95 -6.62 -19.16 -11.60
C LEU B 95 -7.12 -20.25 -12.57
N GLU B 96 -6.36 -21.32 -12.67
CA GLU B 96 -6.76 -22.44 -13.52
C GLU B 96 -7.57 -23.42 -12.69
N LEU B 97 -8.78 -23.70 -13.11
CA LEU B 97 -9.63 -24.66 -12.41
C LEU B 97 -9.13 -26.11 -12.68
N GLU B 98 -9.35 -26.97 -11.68
CA GLU B 98 -9.09 -28.41 -11.70
C GLU B 98 -9.86 -29.13 -12.83
N GLU B 99 -11.03 -28.57 -13.21
CA GLU B 99 -11.88 -29.09 -14.32
C GLU B 99 -12.44 -27.94 -15.10
N PRO B 100 -12.78 -28.16 -16.37
CA PRO B 100 -13.56 -27.13 -17.05
C PRO B 100 -14.96 -27.11 -16.49
N VAL B 101 -15.54 -25.94 -16.36
CA VAL B 101 -16.93 -25.82 -16.02
C VAL B 101 -17.81 -26.17 -17.22
N LYS B 102 -18.93 -26.84 -16.97
CA LYS B 102 -20.00 -27.02 -17.98
C LYS B 102 -20.86 -25.76 -18.07
N VAL B 103 -20.73 -25.05 -19.17
CA VAL B 103 -21.35 -23.74 -19.36
C VAL B 103 -22.88 -23.87 -19.63
N SER B 104 -23.62 -22.83 -19.30
CA SER B 104 -25.07 -22.81 -19.41
C SER B 104 -25.46 -21.35 -19.64
N SER B 105 -26.74 -21.04 -19.77
CA SER B 105 -27.07 -19.61 -19.91
C SER B 105 -26.92 -18.90 -18.57
N HIS B 106 -27.09 -19.66 -17.47
CA HIS B 106 -26.87 -19.12 -16.14
C HIS B 106 -25.40 -18.95 -15.65
N VAL B 107 -24.51 -19.85 -16.04
CA VAL B 107 -23.08 -19.66 -15.78
C VAL B 107 -22.30 -19.82 -17.06
N HIS B 108 -21.65 -18.75 -17.49
CA HIS B 108 -20.84 -18.83 -18.71
C HIS B 108 -19.82 -17.73 -18.74
N THR B 109 -18.96 -17.81 -19.74
CA THR B 109 -17.78 -16.95 -19.82
C THR B 109 -18.11 -15.54 -20.27
N VAL B 110 -17.24 -14.61 -19.88
CA VAL B 110 -17.28 -13.27 -20.41
C VAL B 110 -16.30 -13.18 -21.60
N THR B 111 -16.59 -12.29 -22.51
CA THR B 111 -15.74 -12.07 -23.70
C THR B 111 -14.69 -10.99 -23.36
N LEU B 112 -13.47 -11.30 -23.65
CA LEU B 112 -12.39 -10.32 -23.60
C LEU B 112 -12.39 -9.40 -24.81
N PRO B 113 -11.97 -8.16 -24.63
CA PRO B 113 -11.95 -7.25 -25.74
C PRO B 113 -10.81 -7.55 -26.73
N PRO B 114 -10.96 -7.09 -27.96
CA PRO B 114 -9.80 -7.10 -28.84
C PRO B 114 -8.77 -6.08 -28.36
N ALA B 115 -7.50 -6.34 -28.66
CA ALA B 115 -6.39 -5.45 -28.34
C ALA B 115 -6.68 -4.01 -28.66
N SER B 116 -7.39 -3.81 -29.75
CA SER B 116 -7.57 -2.48 -30.25
C SER B 116 -8.71 -1.76 -29.55
N GLU B 117 -9.47 -2.46 -28.71
CA GLU B 117 -10.69 -1.87 -28.18
C GLU B 117 -10.35 -0.70 -27.28
N THR B 118 -10.98 0.41 -27.53
CA THR B 118 -10.80 1.57 -26.71
C THR B 118 -12.14 1.72 -26.03
N PHE B 119 -12.17 1.68 -24.72
CA PHE B 119 -13.43 1.91 -24.05
C PHE B 119 -13.48 3.40 -23.80
N PRO B 120 -14.28 4.13 -24.57
CA PRO B 120 -14.17 5.58 -24.49
C PRO B 120 -14.78 6.23 -23.24
N PRO B 121 -14.21 7.35 -22.84
CA PRO B 121 -14.75 8.10 -21.73
C PRO B 121 -16.23 8.28 -21.85
N GLY B 122 -16.91 8.12 -20.73
CA GLY B 122 -18.35 8.21 -20.72
C GLY B 122 -19.07 6.92 -21.00
N MET B 123 -18.47 5.97 -21.69
CA MET B 123 -19.16 4.70 -22.02
C MET B 123 -19.75 4.07 -20.72
N PRO B 124 -21.05 3.74 -20.70
CA PRO B 124 -21.62 3.10 -19.50
C PRO B 124 -21.23 1.61 -19.35
N CYS B 125 -20.63 1.29 -18.22
CA CYS B 125 -20.11 -0.04 -17.93
C CYS B 125 -20.69 -0.38 -16.55
N TRP B 126 -20.52 -1.62 -16.16
CA TRP B 126 -21.09 -2.14 -14.97
C TRP B 126 -19.98 -2.85 -14.18
N VAL B 127 -19.97 -2.66 -12.88
CA VAL B 127 -19.10 -3.47 -12.02
C VAL B 127 -19.96 -4.23 -11.04
N THR B 128 -19.53 -5.44 -10.70
CA THR B 128 -20.34 -6.34 -9.87
C THR B 128 -19.52 -6.99 -8.76
N GLY B 129 -20.16 -7.39 -7.68
CA GLY B 129 -19.46 -8.04 -6.63
C GLY B 129 -20.23 -8.14 -5.33
N TRP B 130 -19.59 -8.80 -4.40
CA TRP B 130 -20.13 -8.93 -3.06
C TRP B 130 -19.32 -8.17 -2.01
N GLY B 131 -18.67 -7.08 -2.42
CA GLY B 131 -17.86 -6.27 -1.55
C GLY B 131 -18.67 -5.33 -0.65
N ASP B 132 -17.93 -4.56 0.13
CA ASP B 132 -18.45 -3.56 1.03
C ASP B 132 -19.36 -2.54 0.31
N VAL B 133 -20.37 -2.05 1.04
CA VAL B 133 -21.34 -1.14 0.47
C VAL B 133 -21.02 0.31 0.67
N ASP B 134 -19.96 0.54 1.47
CA ASP B 134 -19.35 1.84 1.66
C ASP B 134 -18.04 1.61 2.46
N ASN B 135 -17.24 2.66 2.68
CA ASN B 135 -16.02 2.47 3.43
C ASN B 135 -16.33 1.83 4.76
N ASP B 136 -15.63 0.75 5.09
CA ASP B 136 -15.87 0.03 6.33
C ASP B 136 -17.32 -0.37 6.59
N GLU B 137 -18.14 -0.50 5.56
CA GLU B 137 -19.52 -1.04 5.74
C GLU B 137 -19.64 -2.33 4.95
N ARG B 138 -19.73 -3.41 5.68
CA ARG B 138 -19.82 -4.75 5.11
C ARG B 138 -21.15 -4.93 4.36
N LEU B 139 -21.13 -5.78 3.33
CA LEU B 139 -22.37 -6.21 2.69
C LEU B 139 -23.11 -7.00 3.75
N PRO B 140 -24.32 -6.61 4.06
CA PRO B 140 -25.08 -7.45 5.02
C PRO B 140 -25.58 -8.79 4.47
N PRO B 141 -25.70 -9.76 5.34
CA PRO B 141 -26.47 -10.93 5.04
C PRO B 141 -27.85 -10.56 4.47
N PRO B 142 -28.37 -11.32 3.52
CA PRO B 142 -27.91 -12.65 2.95
C PRO B 142 -26.89 -12.53 1.74
N PHE B 143 -26.18 -11.44 1.69
CA PHE B 143 -25.01 -11.28 0.81
C PHE B 143 -25.41 -11.37 -0.68
N PRO B 144 -26.29 -10.51 -1.11
CA PRO B 144 -26.67 -10.60 -2.49
C PRO B 144 -25.56 -10.09 -3.43
N LEU B 145 -25.50 -10.61 -4.64
CA LEU B 145 -24.60 -10.03 -5.64
C LEU B 145 -25.07 -8.66 -6.02
N LYS B 146 -24.21 -7.65 -5.96
CA LYS B 146 -24.63 -6.30 -6.30
C LYS B 146 -24.00 -5.86 -7.65
N GLN B 147 -24.62 -4.83 -8.22
CA GLN B 147 -24.20 -4.21 -9.47
C GLN B 147 -24.35 -2.72 -9.38
N VAL B 148 -23.48 -1.99 -10.10
CA VAL B 148 -23.66 -0.58 -10.27
C VAL B 148 -23.11 -0.15 -11.61
N LYS B 149 -23.84 0.77 -12.25
CA LYS B 149 -23.41 1.32 -13.52
C LYS B 149 -22.47 2.46 -13.28
N VAL B 150 -21.32 2.43 -13.92
CA VAL B 150 -20.23 3.44 -13.73
C VAL B 150 -19.70 3.83 -15.12
N PRO B 151 -19.53 5.13 -15.35
CA PRO B 151 -18.93 5.59 -16.58
C PRO B 151 -17.38 5.46 -16.61
N ILE B 152 -16.84 4.97 -17.70
CA ILE B 152 -15.37 5.08 -17.94
C ILE B 152 -14.89 6.54 -17.82
N MET B 153 -13.76 6.72 -17.15
CA MET B 153 -13.03 8.00 -17.12
C MET B 153 -11.71 7.88 -17.93
N GLU B 154 -11.34 8.94 -18.65
CA GLU B 154 -10.03 8.97 -19.34
C GLU B 154 -8.88 8.94 -18.31
N ASN B 155 -7.82 8.18 -18.54
CA ASN B 155 -6.65 8.15 -17.61
C ASN B 155 -6.13 9.49 -17.19
N HIS B 156 -5.90 10.38 -18.15
CA HIS B 156 -5.30 11.63 -17.81
C HIS B 156 -6.18 12.41 -16.80
N ILE B 157 -7.49 12.38 -16.98
CA ILE B 157 -8.40 13.05 -16.06
C ILE B 157 -8.41 12.33 -14.67
N CYS B 158 -8.35 11.01 -14.69
CA CYS B 158 -8.40 10.25 -13.48
C CYS B 158 -7.09 10.57 -12.67
N ASP B 159 -5.97 10.48 -13.35
CA ASP B 159 -4.66 10.89 -12.77
C ASP B 159 -4.71 12.32 -12.20
N ALA B 160 -5.26 13.28 -12.95
CA ALA B 160 -5.37 14.63 -12.45
C ALA B 160 -6.20 14.69 -11.21
N LYS B 161 -7.29 13.91 -11.14
CA LYS B 161 -8.16 13.96 -9.96
C LYS B 161 -7.43 13.43 -8.73
N TYR B 162 -6.65 12.38 -8.91
CA TYR B 162 -5.87 11.85 -7.80
C TYR B 162 -4.82 12.83 -7.25
N HIS B 163 -4.42 13.80 -8.07
CA HIS B 163 -3.48 14.79 -7.64
C HIS B 163 -4.12 15.94 -6.88
N LEU B 164 -5.42 16.12 -7.03
CA LEU B 164 -6.12 17.21 -6.33
C LEU B 164 -6.14 16.87 -4.86
N GLY B 165 -5.62 17.77 -4.00
CA GLY B 165 -5.62 17.55 -2.56
C GLY B 165 -4.46 16.62 -2.18
N ALA B 166 -3.45 16.51 -3.05
CA ALA B 166 -2.27 15.70 -2.77
C ALA B 166 -0.96 16.48 -2.98
N TYR B 167 0.08 16.03 -2.29
CA TYR B 167 1.43 16.64 -2.38
C TYR B 167 2.19 16.15 -3.65
N THR B 168 1.72 15.06 -4.21
CA THR B 168 2.38 14.41 -5.35
C THR B 168 2.48 15.35 -6.53
N GLY B 169 3.66 15.45 -7.11
CA GLY B 169 3.94 16.32 -8.26
C GLY B 169 2.99 16.02 -9.42
N ASP B 170 2.46 17.06 -10.03
CA ASP B 170 1.49 16.82 -11.11
C ASP B 170 2.02 15.99 -12.24
N ASP B 171 3.32 16.00 -12.53
CA ASP B 171 3.83 15.15 -13.61
C ASP B 171 4.27 13.78 -13.14
N VAL B 172 3.99 13.44 -11.89
CA VAL B 172 4.33 12.13 -11.38
C VAL B 172 3.04 11.32 -11.45
N ARG B 173 3.01 10.24 -12.22
CA ARG B 173 1.81 9.50 -12.47
C ARG B 173 1.43 8.71 -11.20
N ILE B 174 0.15 8.82 -10.84
CA ILE B 174 -0.49 7.99 -9.83
C ILE B 174 -1.27 6.89 -10.54
N VAL B 175 -2.07 7.27 -11.51
CA VAL B 175 -2.85 6.29 -12.29
C VAL B 175 -2.02 6.01 -13.51
N ARG B 176 -1.60 4.77 -13.68
CA ARG B 176 -0.61 4.41 -14.69
C ARG B 176 -1.24 3.89 -15.94
N ASP B 177 -0.43 3.68 -16.98
CA ASP B 177 -0.97 3.33 -18.31
C ASP B 177 -1.59 1.96 -18.44
N ASP B 178 -1.29 1.05 -17.51
CA ASP B 178 -1.98 -0.22 -17.45
C ASP B 178 -3.26 -0.24 -16.59
N MET B 179 -3.75 0.93 -16.20
CA MET B 179 -4.90 1.08 -15.34
C MET B 179 -5.99 1.91 -16.06
N LEU B 180 -7.20 1.72 -15.59
CA LEU B 180 -8.37 2.33 -16.15
C LEU B 180 -9.24 2.73 -14.98
N CYS B 181 -9.94 3.86 -15.09
CA CYS B 181 -10.75 4.43 -14.03
C CYS B 181 -12.21 4.51 -14.39
N ALA B 182 -12.99 4.31 -13.35
CA ALA B 182 -14.46 4.49 -13.44
C ALA B 182 -15.03 4.76 -12.04
N GLY B 183 -16.14 5.49 -12.00
CA GLY B 183 -16.87 5.74 -10.78
C GLY B 183 -16.85 7.18 -10.29
N ASN B 184 -17.69 7.44 -9.30
CA ASN B 184 -17.84 8.76 -8.73
C ASN B 184 -18.22 8.66 -7.26
N THR B 185 -18.68 9.77 -6.65
CA THR B 185 -18.98 9.76 -5.22
C THR B 185 -20.27 9.05 -4.91
N ARG B 186 -21.03 8.63 -5.90
CA ARG B 186 -22.21 7.84 -5.60
CA ARG B 186 -22.25 7.87 -5.68
C ARG B 186 -22.09 6.38 -6.03
N ARG B 187 -21.18 6.07 -6.93
CA ARG B 187 -21.09 4.70 -7.48
C ARG B 187 -19.66 4.18 -7.64
N ASP B 188 -19.37 3.01 -7.10
CA ASP B 188 -17.95 2.55 -7.06
C ASP B 188 -17.90 1.09 -6.64
N SER B 189 -16.74 0.48 -6.85
CA SER B 189 -16.43 -0.81 -6.33
C SER B 189 -15.80 -0.54 -4.96
N CYS B 190 -15.59 -1.54 -4.16
CA CYS B 190 -15.01 -1.33 -2.83
C CYS B 190 -14.36 -2.66 -2.36
N GLN B 191 -13.79 -2.64 -1.15
CA GLN B 191 -13.02 -3.79 -0.68
CA GLN B 191 -13.07 -3.81 -0.59
C GLN B 191 -13.92 -5.06 -0.73
N GLY B 192 -13.35 -6.15 -1.23
CA GLY B 192 -14.13 -7.35 -1.42
C GLY B 192 -14.66 -7.52 -2.89
N ASP B 193 -14.71 -6.41 -3.62
CA ASP B 193 -15.05 -6.45 -5.04
C ASP B 193 -13.80 -6.68 -5.89
N SER B 194 -12.61 -6.45 -5.30
CA SER B 194 -11.31 -6.66 -5.95
C SER B 194 -11.30 -7.93 -6.73
N GLY B 195 -10.73 -7.83 -7.95
CA GLY B 195 -10.55 -8.96 -8.82
C GLY B 195 -11.74 -9.28 -9.67
N GLY B 196 -12.89 -8.72 -9.33
CA GLY B 196 -14.10 -8.91 -10.10
C GLY B 196 -14.08 -8.02 -11.34
N PRO B 197 -15.10 -8.13 -12.18
CA PRO B 197 -15.14 -7.52 -13.53
C PRO B 197 -15.75 -6.19 -13.66
N LEU B 198 -15.13 -5.34 -14.47
CA LEU B 198 -15.80 -4.16 -15.02
C LEU B 198 -16.15 -4.50 -16.48
N VAL B 199 -17.45 -4.48 -16.80
CA VAL B 199 -17.90 -4.97 -18.11
C VAL B 199 -18.64 -3.86 -18.78
N CYS B 200 -18.48 -3.77 -20.10
CA CYS B 200 -19.17 -2.74 -20.87
C CYS B 200 -19.80 -3.40 -22.13
N LYS B 201 -21.00 -2.98 -22.42
CA LYS B 201 -21.69 -3.48 -23.59
C LYS B 201 -21.33 -2.59 -24.78
N VAL B 202 -20.59 -3.16 -25.71
CA VAL B 202 -20.08 -2.45 -26.89
C VAL B 202 -20.84 -3.00 -28.13
N ASN B 203 -21.64 -2.10 -28.73
CA ASN B 203 -22.49 -2.52 -29.86
C ASN B 203 -23.27 -3.76 -29.52
N GLY B 204 -23.83 -3.78 -28.32
CA GLY B 204 -24.63 -4.92 -27.91
C GLY B 204 -23.85 -6.16 -27.52
N THR B 205 -22.52 -6.14 -27.46
CA THR B 205 -21.80 -7.28 -26.89
C THR B 205 -21.08 -6.91 -25.58
N TRP B 206 -21.21 -7.73 -24.53
CA TRP B 206 -20.51 -7.46 -23.25
C TRP B 206 -19.04 -7.82 -23.30
N LEU B 207 -18.16 -6.84 -23.09
CA LEU B 207 -16.77 -7.06 -23.04
C LEU B 207 -16.19 -6.68 -21.63
N GLN B 208 -15.26 -7.48 -21.12
CA GLN B 208 -14.61 -7.13 -19.85
C GLN B 208 -13.49 -6.12 -20.06
N ALA B 209 -13.72 -4.88 -19.65
CA ALA B 209 -12.73 -3.83 -19.79
C ALA B 209 -11.68 -3.77 -18.67
N GLY B 210 -12.13 -4.05 -17.45
CA GLY B 210 -11.28 -3.94 -16.29
C GLY B 210 -11.38 -5.05 -15.24
N VAL B 211 -10.36 -5.10 -14.39
CA VAL B 211 -10.39 -5.94 -13.20
C VAL B 211 -10.31 -4.99 -11.99
N VAL B 212 -11.26 -5.07 -11.07
CA VAL B 212 -11.25 -4.21 -9.87
C VAL B 212 -9.88 -4.33 -9.18
N SER B 213 -9.19 -3.21 -9.04
CA SER B 213 -7.84 -3.20 -8.47
C SER B 213 -7.68 -2.37 -7.15
N TRP B 214 -7.94 -1.08 -7.18
CA TRP B 214 -7.69 -0.25 -5.99
C TRP B 214 -8.34 1.11 -6.17
N GLY B 215 -8.10 1.97 -5.19
CA GLY B 215 -8.50 3.36 -5.22
C GLY B 215 -8.24 3.88 -3.83
N GLU B 216 -8.37 5.17 -3.61
CA GLU B 216 -8.37 5.74 -2.25
CA GLU B 216 -8.38 5.70 -2.24
C GLU B 216 -9.79 5.66 -1.68
N GLY B 217 -10.04 4.69 -0.82
CA GLY B 217 -11.36 4.45 -0.29
C GLY B 217 -12.28 4.12 -1.47
N CYS B 218 -13.56 4.30 -1.20
CA CYS B 218 -14.67 3.97 -2.08
C CYS B 218 -15.55 5.18 -2.15
N ALA B 219 -15.85 5.60 -3.36
CA ALA B 219 -16.76 6.70 -3.65
C ALA B 219 -16.41 8.01 -2.96
N GLN B 220 -15.10 8.32 -2.88
CA GLN B 220 -14.58 9.52 -2.22
C GLN B 220 -14.35 10.60 -3.27
N PRO B 221 -14.49 11.88 -2.85
CA PRO B 221 -14.35 13.01 -3.79
C PRO B 221 -12.98 12.93 -4.47
N ASN B 222 -12.99 13.08 -5.78
CA ASN B 222 -11.83 13.08 -6.63
C ASN B 222 -10.98 11.82 -6.58
N ARG B 223 -11.60 10.70 -6.31
CA ARG B 223 -10.88 9.45 -6.21
C ARG B 223 -11.66 8.31 -6.83
N PRO B 224 -11.82 8.34 -8.15
CA PRO B 224 -12.50 7.22 -8.80
C PRO B 224 -11.85 5.85 -8.59
N GLY B 225 -12.65 4.82 -8.82
CA GLY B 225 -12.14 3.45 -8.73
C GLY B 225 -11.14 3.20 -9.82
N ILE B 226 -10.11 2.40 -9.49
CA ILE B 226 -9.07 2.06 -10.44
C ILE B 226 -9.08 0.58 -10.69
N TYR B 227 -8.94 0.25 -11.98
CA TYR B 227 -9.05 -1.11 -12.49
C TYR B 227 -7.81 -1.42 -13.29
N THR B 228 -7.43 -2.69 -13.34
CA THR B 228 -6.41 -3.08 -14.26
C THR B 228 -7.06 -3.08 -15.65
N ARG B 229 -6.35 -2.55 -16.64
CA ARG B 229 -6.87 -2.42 -18.01
C ARG B 229 -6.69 -3.73 -18.73
N VAL B 230 -7.79 -4.42 -19.07
CA VAL B 230 -7.63 -5.78 -19.58
C VAL B 230 -6.87 -5.81 -20.94
N THR B 231 -7.14 -4.85 -21.78
CA THR B 231 -6.46 -4.76 -23.10
C THR B 231 -4.98 -4.75 -22.94
N TYR B 232 -4.51 -4.05 -21.91
CA TYR B 232 -3.05 -4.00 -21.66
C TYR B 232 -2.37 -5.38 -21.54
N TYR B 233 -3.05 -6.34 -20.92
CA TYR B 233 -2.48 -7.63 -20.53
C TYR B 233 -3.02 -8.81 -21.35
N LEU B 234 -3.68 -8.53 -22.47
CA LEU B 234 -4.26 -9.59 -23.33
C LEU B 234 -3.26 -10.57 -23.73
N ASP B 235 -2.06 -10.12 -24.11
CA ASP B 235 -1.05 -11.05 -24.57
C ASP B 235 -0.56 -11.95 -23.47
N TRP B 236 -0.39 -11.42 -22.26
CA TRP B 236 -0.06 -12.25 -21.10
C TRP B 236 -1.22 -13.23 -20.82
N ILE B 237 -2.45 -12.72 -20.85
CA ILE B 237 -3.59 -13.61 -20.63
C ILE B 237 -3.58 -14.75 -21.66
N HIS B 238 -3.39 -14.38 -22.92
CA HIS B 238 -3.41 -15.37 -24.05
C HIS B 238 -2.24 -16.29 -24.11
N HIS B 239 -1.26 -16.05 -23.28
CA HIS B 239 -0.15 -16.95 -23.15
C HIS B 239 -0.55 -18.19 -22.40
N TYR B 240 -1.61 -18.09 -21.57
CA TYR B 240 -2.02 -19.24 -20.76
C TYR B 240 -3.43 -19.70 -21.15
N VAL B 241 -4.34 -18.81 -21.57
CA VAL B 241 -5.70 -19.14 -21.78
C VAL B 241 -5.95 -19.28 -23.28
N PRO B 242 -6.44 -20.45 -23.73
CA PRO B 242 -6.76 -20.67 -25.19
C PRO B 242 -7.75 -19.68 -25.77
N LYS B 243 -7.50 -19.24 -27.01
CA LYS B 243 -8.37 -18.31 -27.76
C LYS B 243 -9.40 -19.07 -28.58
CL CL C . 22.96 9.64 20.95
C1 PGE D . -1.94 11.15 11.29
O1 PGE D . -3.07 10.23 11.20
C2 PGE D . -2.40 12.52 10.82
O2 PGE D . -1.48 13.58 10.79
C3 PGE D . -2.01 14.83 11.38
C4 PGE D . -3.12 15.50 10.53
O4 PGE D . -6.82 16.37 8.31
C6 PGE D . -5.59 15.99 8.95
C5 PGE D . -5.64 15.49 10.38
O3 PGE D . -4.38 14.78 10.60
C ACT E . 3.27 3.90 10.61
O ACT E . 3.23 4.21 9.40
OXT ACT E . 4.23 3.25 11.08
CH3 ACT E . 2.13 4.40 11.48
O4 2AJ F . 3.51 -5.47 5.76
C35 2AJ F . 3.29 -4.30 5.49
N2 2AJ F . 3.25 -3.39 6.46
C40 2AJ F . 3.32 -1.94 6.17
C39 2AJ F . 4.66 -1.42 6.67
C38 2AJ F . 4.77 -1.76 8.19
C41 2AJ F . 6.10 -1.30 8.71
C47 2AJ F . 7.29 -2.04 8.67
C45 2AJ F . 8.50 -1.56 9.16
C46 2AJ F . 9.78 -2.37 9.07
N3 2AJ F . 9.69 -3.54 9.85
C44 2AJ F . 8.56 -0.31 9.76
C43 2AJ F . 7.40 0.42 9.78
C42 2AJ F . 6.17 -0.05 9.32
C37 2AJ F . 4.53 -3.26 8.43
C36 2AJ F . 3.21 -3.74 7.87
C32 2AJ F . 3.17 -3.96 4.02
C31 2AJ F . 4.28 -4.13 3.19
C30 2AJ F . 4.18 -3.86 1.82
C33 2AJ F . 1.94 -3.54 3.49
C34 2AJ F . 1.84 -3.27 2.12
C29 2AJ F . 2.97 -3.41 1.32
O3 2AJ F . 2.67 -3.11 0.06
C28 2AJ F . 1.37 -2.74 0.02
C27 2AJ F . 0.82 -2.79 1.29
SI1 2AJ F . -1.04 -2.47 1.55
C1 2AJ F . -1.52 -2.97 3.27
C2 2AJ F . -1.99 -3.72 0.49
O 2AJ F . -1.41 -0.97 1.31
SI3 2AJ F . -1.20 0.53 1.85
C4 2AJ F . 0.63 0.57 2.20
C5 2AJ F . -2.30 0.95 3.25
C6 2AJ F . -1.79 1.61 0.42
C13 2AJ F . -3.04 2.07 0.00
C8 2AJ F . -2.77 2.90 -1.13
O1 2AJ F . -1.49 2.99 -1.39
C7 2AJ F . -0.87 2.18 -0.43
C12 2AJ F . -4.37 1.84 0.41
C11 2AJ F . -5.38 2.52 -0.33
C10 2AJ F . -5.07 3.30 -1.43
C9 2AJ F . -3.76 3.53 -1.84
C14 2AJ F . -6.86 2.44 -0.01
O2 2AJ F . -7.43 3.51 0.24
N 2AJ F . -7.52 1.28 -0.04
C19 2AJ F . -8.87 1.10 0.50
C18 2AJ F . -9.90 0.93 -0.63
C17 2AJ F . -9.41 -0.27 -1.49
C16 2AJ F . -7.94 -0.11 -1.85
C15 2AJ F . -6.97 0.03 -0.67
C20 2AJ F . -10.24 -0.55 -2.69
C26 2AJ F . -10.74 0.46 -3.48
C24 2AJ F . -11.48 0.14 -4.59
C25 2AJ F . -12.01 1.24 -5.46
N1 2AJ F . -12.98 2.04 -4.78
C23 2AJ F . -11.75 -1.18 -4.95
C22 2AJ F . -11.25 -2.23 -4.17
C21 2AJ F . -10.48 -1.92 -3.04
C ACT G . -9.88 -6.56 -1.50
O ACT G . -10.75 -5.87 -2.12
OXT ACT G . -8.67 -6.46 -1.83
CH3 ACT G . -10.24 -7.50 -0.38
CL CL H . -25.06 -10.04 -18.28
C1 PGE I . -6.66 -14.02 1.12
O1 PGE I . -7.31 -14.09 2.41
C2 PGE I . -6.83 -15.27 0.24
O2 PGE I . -5.84 -16.28 0.45
C3 PGE I . -5.93 -17.49 -0.33
C4 PGE I . -5.03 -18.62 0.24
O4 PGE I . -1.35 -19.48 2.60
C6 PGE I . -2.48 -19.40 1.71
C5 PGE I . -3.81 -19.11 2.38
O3 PGE I . -4.56 -18.19 1.54
#